data_8ZLH
#
_entry.id   8ZLH
#
_cell.length_a   40.536
_cell.length_b   74.627
_cell.length_c   93.570
_cell.angle_alpha   90.00
_cell.angle_beta   90.00
_cell.angle_gamma   90.00
#
_symmetry.space_group_name_H-M   'P 21 21 21'
#
loop_
_entity.id
_entity.type
_entity.pdbx_description
1 polymer 'All1292 protein'
2 water water
#
_entity_poly.entity_id   1
_entity_poly.type   'polypeptide(L)'
_entity_poly.pdbx_seq_one_letter_code
;MMFGSTKPESGDSKWRSQLDRFVKENQQDLAALFWGLWLENGDSQGTIGIDLQPTPHFVYCPKDAVEKLNNNVENRLQEL
LGIIEHNQPEIEVLMIGIGKGEIKLIQFAPEPPPPVCFEQVGKDIDGLLELLEQRMSGEIVV
;
_entity_poly.pdbx_strand_id   A,B
#
# COMPACT_ATOMS: atom_id res chain seq x y z
N SER A 13 17.41 -4.29 13.56
CA SER A 13 16.20 -4.58 12.77
C SER A 13 16.19 -3.84 11.43
N LYS A 14 17.36 -3.76 10.78
CA LYS A 14 17.44 -3.17 9.44
C LYS A 14 16.56 -3.90 8.42
N TRP A 15 16.13 -5.12 8.71
CA TRP A 15 15.36 -5.88 7.72
C TRP A 15 14.04 -5.20 7.39
N ARG A 16 13.49 -4.44 8.34
CA ARG A 16 12.24 -3.74 8.06
C ARG A 16 12.42 -2.75 6.92
N SER A 17 13.55 -2.08 6.88
CA SER A 17 13.78 -1.11 5.81
C SER A 17 14.23 -1.81 4.53
N GLN A 18 14.92 -2.93 4.65
CA GLN A 18 15.29 -3.65 3.44
C GLN A 18 14.04 -4.22 2.77
N LEU A 19 13.13 -4.77 3.58
CA LEU A 19 11.87 -5.28 3.06
C LEU A 19 11.03 -4.17 2.46
N ASP A 20 11.05 -2.99 3.06
CA ASP A 20 10.34 -1.87 2.48
C ASP A 20 10.87 -1.54 1.09
N ARG A 21 12.22 -1.48 0.97
CA ARG A 21 12.83 -1.23 -0.34
C ARG A 21 12.47 -2.32 -1.32
N PHE A 22 12.49 -3.58 -0.87
CA PHE A 22 12.20 -4.67 -1.79
C PHE A 22 10.79 -4.54 -2.35
N VAL A 23 9.81 -4.29 -1.46
CA VAL A 23 8.43 -4.17 -1.89
C VAL A 23 8.26 -3.04 -2.89
N LYS A 24 8.76 -1.84 -2.56
CA LYS A 24 8.64 -0.69 -3.46
C LYS A 24 9.12 -1.01 -4.87
N GLU A 25 10.22 -1.74 -4.98
CA GLU A 25 10.81 -2.00 -6.27
C GLU A 25 10.21 -3.21 -6.97
N ASN A 26 9.32 -3.96 -6.29
CA ASN A 26 8.81 -5.20 -6.85
C ASN A 26 7.30 -5.31 -6.68
N GLN A 27 6.59 -4.19 -6.79
CA GLN A 27 5.16 -4.18 -6.53
C GLN A 27 4.40 -5.05 -7.53
N GLN A 28 4.76 -4.96 -8.82
N GLN A 28 4.76 -4.96 -8.82
CA GLN A 28 4.04 -5.72 -9.85
CA GLN A 28 4.03 -5.71 -9.84
C GLN A 28 4.18 -7.22 -9.62
C GLN A 28 4.18 -7.22 -9.63
N ASP A 29 5.40 -7.69 -9.38
CA ASP A 29 5.61 -9.13 -9.19
C ASP A 29 4.96 -9.62 -7.90
N LEU A 30 5.09 -8.86 -6.81
CA LEU A 30 4.41 -9.24 -5.58
C LEU A 30 2.90 -9.21 -5.74
N ALA A 31 2.39 -8.23 -6.50
CA ALA A 31 0.96 -8.22 -6.78
C ALA A 31 0.56 -9.43 -7.60
N ALA A 32 1.35 -9.77 -8.62
CA ALA A 32 1.01 -10.95 -9.43
C ALA A 32 1.03 -12.22 -8.59
N LEU A 33 2.02 -12.37 -7.70
CA LEU A 33 2.05 -13.55 -6.84
C LEU A 33 0.88 -13.56 -5.89
N PHE A 34 0.58 -12.40 -5.28
CA PHE A 34 -0.51 -12.29 -4.33
C PHE A 34 -1.81 -12.76 -4.96
N TRP A 35 -2.08 -12.32 -6.18
CA TRP A 35 -3.34 -12.67 -6.85
C TRP A 35 -3.31 -14.09 -7.37
N GLY A 36 -2.15 -14.54 -7.88
CA GLY A 36 -1.99 -15.96 -8.21
C GLY A 36 -2.27 -16.86 -7.03
N LEU A 37 -1.78 -16.51 -5.84
CA LEU A 37 -2.07 -17.32 -4.65
C LEU A 37 -3.55 -17.20 -4.26
N TRP A 38 -4.14 -16.02 -4.44
CA TRP A 38 -5.58 -15.88 -4.24
C TRP A 38 -6.35 -16.78 -5.20
N LEU A 39 -5.94 -16.84 -6.47
CA LEU A 39 -6.61 -17.76 -7.39
C LEU A 39 -6.49 -19.19 -6.92
N GLU A 40 -5.32 -19.56 -6.41
CA GLU A 40 -5.10 -20.96 -6.05
C GLU A 40 -5.82 -21.33 -4.76
N ASN A 41 -5.78 -20.44 -3.77
CA ASN A 41 -6.15 -20.79 -2.41
C ASN A 41 -7.26 -19.93 -1.81
N GLY A 42 -7.54 -18.76 -2.36
CA GLY A 42 -8.51 -17.88 -1.71
C GLY A 42 -8.05 -17.59 -0.29
N ASP A 43 -8.99 -17.65 0.65
CA ASP A 43 -8.64 -17.49 2.05
C ASP A 43 -8.52 -18.84 2.79
N SER A 44 -8.39 -19.95 2.06
CA SER A 44 -8.44 -21.23 2.76
C SER A 44 -7.22 -21.51 3.64
N GLN A 45 -6.10 -20.81 3.43
CA GLN A 45 -4.88 -21.12 4.18
C GLN A 45 -4.43 -19.97 5.09
N GLY A 46 -5.18 -18.89 5.12
CA GLY A 46 -4.84 -17.75 5.95
C GLY A 46 -4.16 -16.65 5.17
N THR A 47 -3.26 -15.95 5.85
CA THR A 47 -2.60 -14.77 5.32
C THR A 47 -1.25 -15.15 4.74
N ILE A 48 -0.91 -14.57 3.59
CA ILE A 48 0.42 -14.74 3.02
C ILE A 48 1.45 -14.08 3.92
N GLY A 49 2.46 -14.85 4.33
CA GLY A 49 3.55 -14.34 5.15
C GLY A 49 4.87 -14.48 4.40
N ILE A 50 5.81 -13.62 4.73
CA ILE A 50 7.17 -13.79 4.25
C ILE A 50 8.02 -14.07 5.46
N ASP A 51 8.40 -15.33 5.61
CA ASP A 51 9.28 -15.76 6.69
C ASP A 51 10.71 -15.45 6.27
N LEU A 52 11.41 -14.64 7.06
CA LEU A 52 12.66 -14.08 6.54
C LEU A 52 13.86 -14.97 6.75
N GLN A 53 13.74 -15.99 7.58
CA GLN A 53 14.83 -16.93 7.80
C GLN A 53 14.44 -18.33 7.33
N PRO A 54 15.40 -19.12 6.85
CA PRO A 54 16.85 -18.82 6.80
C PRO A 54 17.15 -17.86 5.67
N THR A 55 16.21 -17.81 4.71
CA THR A 55 16.15 -17.01 3.50
C THR A 55 14.69 -16.63 3.38
N PRO A 56 14.38 -15.43 2.86
CA PRO A 56 12.98 -15.00 2.84
C PRO A 56 12.15 -15.89 1.93
N HIS A 57 11.08 -16.44 2.49
CA HIS A 57 10.28 -17.36 1.68
C HIS A 57 8.82 -17.22 2.08
N PHE A 58 7.94 -17.49 1.13
CA PHE A 58 6.53 -17.24 1.34
C PHE A 58 5.87 -18.40 2.07
N VAL A 59 5.02 -18.07 3.04
CA VAL A 59 4.36 -19.07 3.85
C VAL A 59 2.91 -18.63 3.99
N TYR A 60 2.08 -19.52 4.50
CA TYR A 60 0.72 -19.17 4.87
C TYR A 60 0.60 -19.11 6.39
N CYS A 61 -0.09 -18.10 6.89
CA CYS A 61 -0.23 -17.86 8.32
C CYS A 61 -1.71 -17.97 8.66
N PRO A 62 -2.15 -19.11 9.19
CA PRO A 62 -3.57 -19.24 9.54
C PRO A 62 -4.00 -18.17 10.53
N LYS A 63 -5.32 -17.93 10.56
CA LYS A 63 -5.88 -16.84 11.34
C LYS A 63 -5.48 -16.95 12.81
N ASP A 64 -5.61 -18.15 13.36
CA ASP A 64 -5.26 -18.34 14.76
C ASP A 64 -3.78 -18.08 14.99
N ALA A 65 -2.94 -18.46 14.03
CA ALA A 65 -1.50 -18.30 14.18
C ALA A 65 -1.09 -16.84 14.12
N VAL A 66 -1.67 -16.07 13.18
CA VAL A 66 -1.46 -14.63 13.14
C VAL A 66 -1.79 -14.01 14.50
N GLU A 67 -2.95 -14.39 15.05
CA GLU A 67 -3.45 -13.78 16.27
C GLU A 67 -2.51 -14.05 17.43
N LYS A 68 -2.17 -15.32 17.65
CA LYS A 68 -1.20 -15.67 18.68
C LYS A 68 0.11 -14.91 18.49
N LEU A 69 0.56 -14.77 17.26
CA LEU A 69 1.86 -14.14 17.04
C LEU A 69 1.77 -12.62 17.15
N ASN A 70 0.61 -12.04 16.86
CA ASN A 70 0.40 -10.63 17.13
C ASN A 70 0.28 -10.36 18.62
N ASN A 71 -0.10 -11.39 19.39
CA ASN A 71 -0.19 -11.33 20.85
C ASN A 71 1.18 -11.31 21.52
N ASN A 72 2.17 -10.70 20.86
CA ASN A 72 3.51 -10.65 21.41
C ASN A 72 3.97 -9.21 21.52
N VAL A 73 4.90 -8.99 22.46
CA VAL A 73 5.22 -7.64 22.90
C VAL A 73 5.81 -6.82 21.76
N GLU A 74 6.61 -7.45 20.89
CA GLU A 74 7.17 -6.70 19.78
C GLU A 74 6.14 -6.36 18.71
N ASN A 75 4.91 -6.88 18.80
CA ASN A 75 3.94 -6.76 17.73
C ASN A 75 2.75 -5.93 18.19
N ARG A 76 1.61 -6.56 18.49
CA ARG A 76 0.39 -5.87 18.93
C ARG A 76 0.00 -4.74 17.98
N LEU A 77 0.10 -4.98 16.67
CA LEU A 77 -0.34 -3.98 15.71
C LEU A 77 -1.84 -3.78 15.82
N GLN A 78 -2.24 -2.52 16.01
CA GLN A 78 -3.64 -2.20 16.25
C GLN A 78 -4.46 -2.51 15.02
N GLU A 79 -5.52 -3.30 15.21
CA GLU A 79 -6.46 -3.62 14.15
C GLU A 79 -5.84 -4.49 13.07
N LEU A 80 -4.74 -5.18 13.36
CA LEU A 80 -4.18 -6.10 12.37
C LEU A 80 -5.24 -7.05 11.85
N LEU A 81 -5.95 -7.70 12.75
CA LEU A 81 -6.93 -8.70 12.34
C LEU A 81 -8.00 -8.10 11.45
N GLY A 82 -8.41 -6.86 11.76
CA GLY A 82 -9.44 -6.23 10.97
C GLY A 82 -8.93 -5.82 9.59
N ILE A 83 -7.70 -5.32 9.51
CA ILE A 83 -7.07 -5.04 8.22
C ILE A 83 -7.07 -6.31 7.37
N ILE A 84 -6.76 -7.46 7.99
CA ILE A 84 -6.75 -8.71 7.23
C ILE A 84 -8.14 -9.06 6.73
N GLU A 85 -9.14 -9.03 7.63
CA GLU A 85 -10.51 -9.37 7.22
C GLU A 85 -11.06 -8.41 6.17
N HIS A 86 -10.69 -7.13 6.20
CA HIS A 86 -11.25 -6.18 5.26
C HIS A 86 -10.48 -6.10 3.95
N ASN A 87 -9.32 -6.74 3.82
CA ASN A 87 -8.54 -6.62 2.60
C ASN A 87 -9.38 -7.00 1.40
N GLN A 88 -9.28 -6.20 0.34
CA GLN A 88 -9.99 -6.40 -0.93
C GLN A 88 -8.94 -6.85 -1.94
N PRO A 89 -8.79 -8.15 -2.15
CA PRO A 89 -7.66 -8.66 -2.96
C PRO A 89 -7.72 -8.26 -4.42
N GLU A 90 -8.89 -7.87 -4.93
CA GLU A 90 -8.93 -7.34 -6.30
C GLU A 90 -8.27 -5.98 -6.41
N ILE A 91 -8.08 -5.31 -5.28
CA ILE A 91 -7.48 -3.99 -5.23
C ILE A 91 -6.16 -3.96 -4.48
N GLU A 92 -6.07 -4.67 -3.35
CA GLU A 92 -5.04 -4.47 -2.34
C GLU A 92 -4.24 -5.75 -2.15
N VAL A 93 -2.92 -5.63 -2.24
CA VAL A 93 -2.01 -6.69 -1.81
C VAL A 93 -1.84 -6.60 -0.29
N LEU A 94 -1.98 -7.73 0.40
CA LEU A 94 -1.68 -7.83 1.84
C LEU A 94 -0.76 -9.00 2.10
N MET A 95 0.32 -8.76 2.84
CA MET A 95 1.23 -9.82 3.24
C MET A 95 1.75 -9.40 4.60
N ILE A 96 2.33 -10.31 5.38
CA ILE A 96 3.07 -9.91 6.57
C ILE A 96 4.49 -10.46 6.49
N GLY A 97 5.47 -9.58 6.59
CA GLY A 97 6.83 -10.01 6.79
C GLY A 97 7.02 -10.37 8.26
N ILE A 98 7.77 -11.45 8.49
CA ILE A 98 8.03 -11.95 9.84
C ILE A 98 9.54 -12.09 9.96
N GLY A 99 10.14 -11.26 10.80
CA GLY A 99 11.56 -11.33 11.11
C GLY A 99 11.74 -11.58 12.60
N LYS A 100 12.35 -12.72 12.92
CA LYS A 100 12.57 -13.15 14.31
C LYS A 100 11.34 -12.85 15.18
N GLY A 101 10.19 -13.34 14.72
CA GLY A 101 8.92 -13.14 15.41
C GLY A 101 8.35 -11.74 15.36
N GLU A 102 8.99 -10.81 14.67
CA GLU A 102 8.47 -9.44 14.52
C GLU A 102 7.65 -9.32 13.24
N ILE A 103 6.37 -8.86 13.37
CA ILE A 103 5.46 -8.70 12.24
C ILE A 103 5.70 -7.35 11.56
N LYS A 104 5.64 -7.32 10.24
CA LYS A 104 5.64 -6.04 9.53
C LYS A 104 4.54 -6.09 8.47
N LEU A 105 3.57 -5.18 8.56
CA LEU A 105 2.48 -5.19 7.60
C LEU A 105 2.93 -4.73 6.21
N ILE A 106 2.61 -5.53 5.21
CA ILE A 106 2.75 -5.14 3.80
C ILE A 106 1.34 -5.00 3.24
N GLN A 107 0.94 -3.78 2.88
CA GLN A 107 -0.34 -3.53 2.21
C GLN A 107 -0.16 -2.38 1.24
N PHE A 108 -0.59 -2.58 -0.01
CA PHE A 108 -0.45 -1.54 -1.02
C PHE A 108 -1.42 -1.84 -2.15
N ALA A 109 -1.91 -0.76 -2.76
CA ALA A 109 -2.77 -0.91 -3.92
C ALA A 109 -1.92 -0.72 -5.17
N PRO A 110 -1.57 -1.77 -5.89
CA PRO A 110 -0.65 -1.61 -7.02
C PRO A 110 -1.33 -0.94 -8.21
N GLU A 111 -0.51 -0.58 -9.19
CA GLU A 111 -0.99 -0.14 -10.50
C GLU A 111 -0.32 -1.00 -11.56
N PRO A 112 -1.05 -1.73 -12.42
CA PRO A 112 -2.49 -2.01 -12.42
C PRO A 112 -2.89 -2.85 -11.21
N PRO A 113 -4.17 -3.08 -10.96
CA PRO A 113 -4.59 -3.86 -9.76
C PRO A 113 -4.05 -5.28 -9.82
N PRO A 114 -4.13 -6.04 -8.73
CA PRO A 114 -3.45 -7.36 -8.67
C PRO A 114 -3.85 -8.31 -9.78
N PRO A 115 -5.14 -8.47 -10.12
CA PRO A 115 -5.46 -9.47 -11.15
C PRO A 115 -4.91 -9.12 -12.51
N VAL A 116 -4.66 -7.84 -12.79
CA VAL A 116 -4.04 -7.45 -14.06
C VAL A 116 -2.53 -7.68 -14.00
N CYS A 117 -1.90 -7.38 -12.85
CA CYS A 117 -0.50 -7.76 -12.69
C CYS A 117 -0.30 -9.26 -12.94
N PHE A 118 -1.18 -10.09 -12.39
CA PHE A 118 -1.06 -11.52 -12.66
C PHE A 118 -1.15 -11.82 -14.14
N GLU A 119 -2.14 -11.23 -14.82
CA GLU A 119 -2.28 -11.44 -16.26
C GLU A 119 -1.05 -10.95 -17.00
N GLN A 120 -0.54 -9.78 -16.63
CA GLN A 120 0.50 -9.16 -17.43
C GLN A 120 1.85 -9.84 -17.25
N VAL A 121 2.13 -10.39 -16.07
CA VAL A 121 3.44 -10.98 -15.87
C VAL A 121 3.55 -12.37 -16.49
N GLY A 122 2.43 -12.96 -16.88
CA GLY A 122 2.45 -14.14 -17.76
C GLY A 122 3.20 -15.34 -17.21
N LYS A 123 3.08 -15.62 -15.91
CA LYS A 123 3.77 -16.74 -15.27
C LYS A 123 2.85 -17.35 -14.23
N ASP A 124 3.06 -18.63 -13.91
CA ASP A 124 2.27 -19.23 -12.85
C ASP A 124 2.93 -19.00 -11.48
N ILE A 125 2.24 -19.40 -10.40
CA ILE A 125 2.76 -19.06 -9.08
C ILE A 125 4.09 -19.73 -8.81
N ASP A 126 4.30 -20.94 -9.34
CA ASP A 126 5.57 -21.61 -9.11
C ASP A 126 6.72 -20.77 -9.65
N GLY A 127 6.55 -20.28 -10.89
CA GLY A 127 7.55 -19.39 -11.46
C GLY A 127 7.74 -18.13 -10.65
N LEU A 128 6.64 -17.51 -10.23
CA LEU A 128 6.73 -16.27 -9.48
C LEU A 128 7.42 -16.48 -8.16
N LEU A 129 7.01 -17.53 -7.44
CA LEU A 129 7.56 -17.79 -6.13
C LEU A 129 9.08 -17.91 -6.20
N GLU A 130 9.56 -18.70 -7.15
CA GLU A 130 11.00 -18.94 -7.28
C GLU A 130 11.74 -17.64 -7.56
N LEU A 131 11.22 -16.84 -8.49
CA LEU A 131 11.87 -15.57 -8.85
C LEU A 131 11.91 -14.61 -7.66
N LEU A 132 10.77 -14.39 -7.02
CA LEU A 132 10.72 -13.45 -5.91
C LEU A 132 11.61 -13.93 -4.77
N GLU A 133 11.60 -15.25 -4.49
CA GLU A 133 12.38 -15.76 -3.37
C GLU A 133 13.87 -15.61 -3.62
N GLN A 134 14.35 -15.96 -4.82
CA GLN A 134 15.77 -15.73 -5.11
C GLN A 134 16.12 -14.24 -5.02
N ARG A 135 15.28 -13.37 -5.59
CA ARG A 135 15.50 -11.92 -5.47
C ARG A 135 15.69 -11.47 -4.03
N MET A 136 14.83 -11.91 -3.12
CA MET A 136 14.95 -11.44 -1.75
C MET A 136 16.22 -11.95 -1.09
N SER A 137 16.73 -13.11 -1.53
CA SER A 137 17.90 -13.70 -0.88
C SER A 137 19.08 -12.74 -0.97
N GLY A 138 19.72 -12.51 0.17
CA GLY A 138 20.80 -11.57 0.25
C GLY A 138 20.33 -10.14 0.46
N GLU A 139 19.20 -9.79 -0.14
CA GLU A 139 18.72 -8.41 -0.11
C GLU A 139 17.97 -8.08 1.17
N ILE A 140 17.37 -9.06 1.83
CA ILE A 140 16.70 -8.87 3.11
C ILE A 140 17.26 -9.91 4.07
N VAL A 141 18.09 -9.47 5.01
CA VAL A 141 18.75 -10.34 5.98
C VAL A 141 18.37 -9.90 7.39
N VAL A 142 18.19 -10.88 8.27
CA VAL A 142 17.85 -10.63 9.67
C VAL A 142 19.09 -10.57 10.56
N SER B 13 -4.28 7.37 -20.23
CA SER B 13 -4.21 6.48 -19.06
C SER B 13 -2.79 6.42 -18.51
N LYS B 14 -1.82 6.97 -19.26
CA LYS B 14 -0.42 6.91 -18.83
C LYS B 14 -0.19 7.63 -17.49
N TRP B 15 -1.00 8.65 -17.17
CA TRP B 15 -0.83 9.34 -15.90
C TRP B 15 -0.89 8.40 -14.70
N ARG B 16 -1.63 7.29 -14.80
CA ARG B 16 -1.69 6.33 -13.70
C ARG B 16 -0.30 5.79 -13.35
N SER B 17 0.47 5.36 -14.34
CA SER B 17 1.78 4.81 -14.04
C SER B 17 2.78 5.90 -13.64
N GLN B 18 2.62 7.13 -14.17
CA GLN B 18 3.39 8.25 -13.66
C GLN B 18 3.09 8.51 -12.19
N LEU B 19 1.80 8.51 -11.82
CA LEU B 19 1.45 8.73 -10.42
C LEU B 19 1.98 7.59 -9.56
N ASP B 20 1.82 6.35 -10.02
CA ASP B 20 2.37 5.18 -9.32
C ASP B 20 3.87 5.35 -9.03
N ARG B 21 4.64 5.73 -10.03
CA ARG B 21 6.07 5.90 -9.83
C ARG B 21 6.37 7.06 -8.90
N PHE B 22 5.63 8.16 -9.01
CA PHE B 22 5.87 9.26 -8.09
C PHE B 22 5.64 8.83 -6.65
N VAL B 23 4.55 8.11 -6.40
CA VAL B 23 4.27 7.64 -5.04
C VAL B 23 5.39 6.76 -4.53
N LYS B 24 5.81 5.80 -5.37
CA LYS B 24 6.90 4.90 -5.01
C LYS B 24 8.15 5.64 -4.55
N GLU B 25 8.51 6.70 -5.25
CA GLU B 25 9.71 7.47 -4.97
C GLU B 25 9.55 8.46 -3.82
N ASN B 26 8.33 8.67 -3.32
CA ASN B 26 8.06 9.77 -2.37
C ASN B 26 7.22 9.31 -1.20
N GLN B 27 7.32 8.03 -0.82
CA GLN B 27 6.43 7.47 0.18
C GLN B 27 6.59 8.15 1.54
N GLN B 28 7.83 8.45 1.93
N GLN B 28 7.83 8.44 1.93
CA GLN B 28 8.05 9.01 3.26
CA GLN B 28 8.06 9.02 3.25
C GLN B 28 7.44 10.40 3.35
C GLN B 28 7.44 10.40 3.35
N ASP B 29 7.67 11.24 2.35
CA ASP B 29 7.11 12.59 2.38
C ASP B 29 5.59 12.55 2.29
N LEU B 30 5.04 11.72 1.39
CA LEU B 30 3.60 11.55 1.33
C LEU B 30 3.04 11.04 2.66
N ALA B 31 3.76 10.12 3.33
CA ALA B 31 3.31 9.67 4.66
C ALA B 31 3.32 10.80 5.69
N ALA B 32 4.41 11.57 5.72
CA ALA B 32 4.45 12.72 6.62
C ALA B 32 3.29 13.68 6.35
N LEU B 33 3.00 13.96 5.08
CA LEU B 33 1.87 14.84 4.78
C LEU B 33 0.56 14.19 5.17
N PHE B 34 0.38 12.92 4.80
CA PHE B 34 -0.83 12.19 5.18
C PHE B 34 -1.09 12.30 6.69
N TRP B 35 -0.04 12.07 7.50
CA TRP B 35 -0.21 12.04 8.94
C TRP B 35 -0.43 13.43 9.52
N GLY B 36 0.35 14.41 9.05
CA GLY B 36 0.11 15.78 9.43
C GLY B 36 -1.32 16.23 9.19
N LEU B 37 -1.87 15.91 8.02
CA LEU B 37 -3.26 16.27 7.75
C LEU B 37 -4.22 15.47 8.62
N TRP B 38 -3.89 14.20 8.87
CA TRP B 38 -4.69 13.40 9.79
C TRP B 38 -4.75 14.05 11.17
N LEU B 39 -3.60 14.51 11.68
CA LEU B 39 -3.58 15.18 12.98
C LEU B 39 -4.50 16.39 13.00
N GLU B 40 -4.50 17.20 11.94
CA GLU B 40 -5.31 18.40 11.95
C GLU B 40 -6.78 18.13 11.67
N ASN B 41 -7.09 17.19 10.79
CA ASN B 41 -8.46 17.05 10.29
C ASN B 41 -9.11 15.71 10.60
N GLY B 42 -8.35 14.69 11.03
CA GLY B 42 -8.86 13.33 10.93
C GLY B 42 -9.59 13.10 9.62
N ASP B 43 -10.77 12.47 9.65
CA ASP B 43 -11.51 12.22 8.42
C ASP B 43 -12.66 13.21 8.20
N SER B 44 -12.69 14.34 8.93
CA SER B 44 -13.84 15.24 8.84
C SER B 44 -13.95 15.90 7.48
N GLN B 45 -12.83 16.06 6.76
CA GLN B 45 -12.88 16.72 5.47
C GLN B 45 -13.01 15.73 4.32
N GLY B 46 -13.00 14.44 4.62
CA GLY B 46 -13.01 13.43 3.60
C GLY B 46 -11.63 12.84 3.32
N THR B 47 -11.47 12.41 2.08
CA THR B 47 -10.29 11.69 1.64
C THR B 47 -9.33 12.66 0.97
N ILE B 48 -8.05 12.54 1.29
CA ILE B 48 -7.02 13.31 0.58
C ILE B 48 -6.98 12.89 -0.88
N GLY B 49 -7.10 13.89 -1.75
CA GLY B 49 -7.06 13.66 -3.18
C GLY B 49 -5.83 14.33 -3.78
N ILE B 50 -5.36 13.78 -4.89
CA ILE B 50 -4.45 14.49 -5.76
C ILE B 50 -5.21 14.76 -7.06
N ASP B 51 -5.73 15.98 -7.21
CA ASP B 51 -6.35 16.39 -8.45
C ASP B 51 -5.23 16.78 -9.41
N LEU B 52 -5.20 16.14 -10.56
CA LEU B 52 -4.06 16.26 -11.46
C LEU B 52 -4.18 17.42 -12.42
N GLN B 53 -5.35 18.08 -12.51
CA GLN B 53 -5.53 19.17 -13.45
C GLN B 53 -5.98 20.46 -12.77
N PRO B 54 -5.49 21.61 -13.21
CA PRO B 54 -4.58 21.83 -14.35
C PRO B 54 -3.14 21.39 -14.10
N THR B 55 -2.71 21.33 -12.85
CA THR B 55 -1.44 20.72 -12.47
C THR B 55 -1.74 19.98 -11.19
N PRO B 56 -0.94 18.97 -10.84
CA PRO B 56 -1.29 18.15 -9.67
C PRO B 56 -1.31 19.00 -8.41
N HIS B 57 -2.40 18.90 -7.66
CA HIS B 57 -2.50 19.60 -6.39
C HIS B 57 -3.36 18.81 -5.40
N PHE B 58 -3.01 18.91 -4.13
CA PHE B 58 -3.74 18.23 -3.07
C PHE B 58 -5.10 18.88 -2.78
N VAL B 59 -6.11 18.04 -2.61
CA VAL B 59 -7.48 18.48 -2.33
C VAL B 59 -8.01 17.56 -1.23
N TYR B 60 -9.21 17.89 -0.73
CA TYR B 60 -9.97 16.92 0.06
C TYR B 60 -11.21 16.50 -0.73
N CYS B 61 -11.60 15.23 -0.58
CA CYS B 61 -12.78 14.70 -1.28
C CYS B 61 -13.77 14.18 -0.27
N PRO B 62 -14.90 14.87 -0.03
CA PRO B 62 -15.91 14.35 0.89
C PRO B 62 -16.38 12.98 0.44
N LYS B 63 -16.89 12.18 1.37
CA LYS B 63 -17.25 10.81 1.04
C LYS B 63 -18.33 10.76 -0.05
N ASP B 64 -19.25 11.72 -0.07
CA ASP B 64 -20.25 11.80 -1.14
C ASP B 64 -19.59 11.89 -2.51
N ALA B 65 -18.68 12.86 -2.68
CA ALA B 65 -18.01 13.03 -3.96
C ALA B 65 -17.27 11.75 -4.37
N VAL B 66 -16.66 11.04 -3.41
CA VAL B 66 -15.98 9.80 -3.77
C VAL B 66 -16.98 8.78 -4.30
N GLU B 67 -18.09 8.58 -3.58
CA GLU B 67 -19.11 7.64 -4.03
C GLU B 67 -19.71 8.07 -5.36
N LYS B 68 -20.15 9.32 -5.44
CA LYS B 68 -20.64 9.89 -6.70
C LYS B 68 -19.67 9.57 -7.84
N LEU B 69 -18.38 9.65 -7.57
CA LEU B 69 -17.38 9.59 -8.61
C LEU B 69 -16.89 8.16 -8.84
N ASN B 70 -16.84 7.32 -7.80
CA ASN B 70 -16.67 5.89 -8.00
C ASN B 70 -17.85 5.25 -8.73
N ASN B 71 -18.99 5.95 -8.76
CA ASN B 71 -20.21 5.54 -9.46
C ASN B 71 -20.06 5.87 -10.95
N ASN B 72 -19.00 5.37 -11.57
CA ASN B 72 -18.64 5.72 -12.92
C ASN B 72 -17.86 4.58 -13.54
N VAL B 73 -18.09 4.37 -14.84
CA VAL B 73 -17.65 3.16 -15.52
C VAL B 73 -16.16 2.97 -15.36
N GLU B 74 -15.39 4.01 -15.68
CA GLU B 74 -13.93 3.94 -15.61
C GLU B 74 -13.45 3.65 -14.20
N ASN B 75 -14.30 3.81 -13.19
CA ASN B 75 -13.90 3.58 -11.80
C ASN B 75 -14.49 2.30 -11.23
N ARG B 76 -15.52 2.42 -10.39
CA ARG B 76 -16.23 1.25 -9.84
C ARG B 76 -15.29 0.35 -9.05
N LEU B 77 -14.28 0.95 -8.40
CA LEU B 77 -13.39 0.25 -7.48
C LEU B 77 -14.19 -0.48 -6.42
N GLN B 78 -14.13 -1.81 -6.44
CA GLN B 78 -15.01 -2.61 -5.59
C GLN B 78 -14.70 -2.38 -4.11
N GLU B 79 -15.72 -1.97 -3.36
CA GLU B 79 -15.63 -1.73 -1.92
C GLU B 79 -14.72 -0.54 -1.59
N LEU B 80 -14.63 0.43 -2.49
CA LEU B 80 -13.77 1.59 -2.23
C LEU B 80 -14.16 2.30 -0.95
N LEU B 81 -15.46 2.47 -0.70
CA LEU B 81 -15.89 3.16 0.51
C LEU B 81 -15.41 2.43 1.75
N GLY B 82 -15.47 1.09 1.73
CA GLY B 82 -14.99 0.31 2.85
C GLY B 82 -13.48 0.40 3.01
N ILE B 83 -12.76 0.33 1.88
CA ILE B 83 -11.31 0.53 1.94
C ILE B 83 -11.00 1.87 2.61
N ILE B 84 -11.70 2.93 2.21
CA ILE B 84 -11.46 4.26 2.79
C ILE B 84 -11.80 4.27 4.26
N GLU B 85 -12.92 3.64 4.62
CA GLU B 85 -13.32 3.57 6.02
C GLU B 85 -12.33 2.75 6.86
N HIS B 86 -11.80 1.66 6.31
CA HIS B 86 -11.01 0.75 7.14
C HIS B 86 -9.52 1.08 7.14
N ASN B 87 -9.07 2.06 6.36
CA ASN B 87 -7.67 2.44 6.39
C ASN B 87 -7.28 2.90 7.79
N GLN B 88 -6.13 2.42 8.26
CA GLN B 88 -5.60 2.70 9.59
C GLN B 88 -4.49 3.74 9.48
N PRO B 89 -4.77 5.03 9.72
CA PRO B 89 -3.78 6.08 9.38
C PRO B 89 -2.49 5.98 10.18
N GLU B 90 -2.50 5.29 11.32
CA GLU B 90 -1.30 5.08 12.11
C GLU B 90 -0.29 4.17 11.43
N ILE B 91 -0.72 3.36 10.46
CA ILE B 91 0.19 2.36 9.85
C ILE B 91 0.20 2.48 8.33
N GLU B 92 -0.86 3.06 7.76
CA GLU B 92 -0.94 3.05 6.29
C GLU B 92 -1.49 4.37 5.73
N VAL B 93 -0.97 4.77 4.57
CA VAL B 93 -1.41 6.01 3.90
C VAL B 93 -2.45 5.69 2.84
N LEU B 94 -3.50 6.48 2.79
CA LEU B 94 -4.45 6.35 1.68
C LEU B 94 -4.71 7.72 1.09
N MET B 95 -4.62 7.81 -0.24
CA MET B 95 -5.08 9.00 -0.96
C MET B 95 -5.77 8.51 -2.23
N ILE B 96 -6.45 9.40 -2.96
CA ILE B 96 -6.94 9.10 -4.30
C ILE B 96 -6.41 10.12 -5.30
N GLY B 97 -5.81 9.63 -6.38
CA GLY B 97 -5.47 10.48 -7.51
C GLY B 97 -6.65 10.53 -8.48
N ILE B 98 -6.87 11.71 -9.07
CA ILE B 98 -8.02 11.97 -9.95
C ILE B 98 -7.53 12.61 -11.23
N GLY B 99 -7.71 11.92 -12.36
CA GLY B 99 -7.39 12.51 -13.65
C GLY B 99 -8.59 12.44 -14.58
N LYS B 100 -9.14 13.60 -14.95
CA LYS B 100 -10.39 13.66 -15.74
C LYS B 100 -11.43 12.66 -15.24
N GLY B 101 -11.69 12.71 -13.93
CA GLY B 101 -12.73 11.88 -13.36
C GLY B 101 -12.40 10.42 -13.06
N GLU B 102 -11.25 9.88 -13.44
CA GLU B 102 -10.99 8.50 -13.06
C GLU B 102 -10.08 8.45 -11.84
N ILE B 103 -10.44 7.58 -10.88
CA ILE B 103 -9.72 7.36 -9.61
C ILE B 103 -8.58 6.39 -9.80
N LYS B 104 -7.45 6.69 -9.15
CA LYS B 104 -6.41 5.70 -8.91
C LYS B 104 -6.22 5.69 -7.40
N LEU B 105 -6.44 4.54 -6.77
CA LEU B 105 -6.30 4.46 -5.34
C LEU B 105 -4.82 4.46 -4.98
N ILE B 106 -4.45 5.31 -4.03
CA ILE B 106 -3.09 5.32 -3.49
C ILE B 106 -3.19 4.75 -2.09
N GLN B 107 -2.48 3.65 -1.85
CA GLN B 107 -2.47 3.03 -0.54
C GLN B 107 -1.16 2.30 -0.31
N PHE B 108 -0.50 2.60 0.80
CA PHE B 108 0.72 1.89 1.12
C PHE B 108 1.00 2.03 2.61
N ALA B 109 1.53 0.95 3.20
CA ALA B 109 1.94 0.93 4.60
C ALA B 109 3.45 1.15 4.65
N PRO B 110 3.92 2.35 4.96
CA PRO B 110 5.34 2.66 4.76
C PRO B 110 6.17 2.18 5.94
N GLU B 111 7.48 2.34 5.79
CA GLU B 111 8.44 2.10 6.86
C GLU B 111 9.30 3.35 6.94
N PRO B 112 9.33 4.05 8.08
CA PRO B 112 8.58 3.83 9.30
C PRO B 112 7.10 4.15 9.07
N PRO B 113 6.23 3.87 10.03
CA PRO B 113 4.82 4.20 9.86
C PRO B 113 4.61 5.70 9.77
N PRO B 114 3.44 6.13 9.28
CA PRO B 114 3.23 7.56 8.94
C PRO B 114 3.55 8.50 10.11
N PRO B 115 3.13 8.19 11.36
CA PRO B 115 3.47 9.13 12.44
C PRO B 115 4.96 9.28 12.67
N VAL B 116 5.75 8.24 12.45
CA VAL B 116 7.20 8.39 12.56
C VAL B 116 7.74 9.15 11.36
N CYS B 117 7.24 8.84 10.16
CA CYS B 117 7.57 9.62 8.98
C CYS B 117 7.36 11.12 9.25
N PHE B 118 6.23 11.45 9.82
CA PHE B 118 5.95 12.84 10.18
C PHE B 118 7.03 13.38 11.11
N GLU B 119 7.35 12.64 12.16
CA GLU B 119 8.34 13.14 13.10
C GLU B 119 9.72 13.26 12.45
N GLN B 120 10.05 12.35 11.51
CA GLN B 120 11.39 12.27 10.92
C GLN B 120 11.62 13.30 9.83
N VAL B 121 10.63 13.54 8.98
CA VAL B 121 10.73 14.65 8.02
C VAL B 121 10.79 15.98 8.75
N GLY B 122 10.02 16.15 9.81
CA GLY B 122 10.10 17.39 10.57
C GLY B 122 9.57 18.61 9.86
N LYS B 123 8.63 18.44 8.93
CA LYS B 123 8.03 19.56 8.20
C LYS B 123 6.55 19.64 8.53
N ASP B 124 6.02 20.86 8.58
CA ASP B 124 4.57 21.09 8.67
C ASP B 124 3.88 20.86 7.33
N ILE B 125 2.55 20.71 7.38
CA ILE B 125 1.81 20.35 6.17
C ILE B 125 2.02 21.40 5.08
N ASP B 126 2.09 22.68 5.44
CA ASP B 126 2.34 23.72 4.43
C ASP B 126 3.64 23.45 3.70
N GLY B 127 4.71 23.12 4.44
CA GLY B 127 5.98 22.82 3.80
C GLY B 127 5.92 21.59 2.91
N LEU B 128 5.22 20.56 3.36
CA LEU B 128 5.13 19.34 2.56
C LEU B 128 4.26 19.54 1.33
N LEU B 129 3.15 20.26 1.47
CA LEU B 129 2.27 20.53 0.33
C LEU B 129 3.07 21.19 -0.80
N GLU B 130 3.80 22.25 -0.47
CA GLU B 130 4.55 22.97 -1.50
C GLU B 130 5.67 22.11 -2.08
N LEU B 131 6.41 21.38 -1.23
CA LEU B 131 7.49 20.54 -1.74
C LEU B 131 6.95 19.46 -2.67
N LEU B 132 5.91 18.74 -2.23
CA LEU B 132 5.36 17.66 -3.03
C LEU B 132 4.72 18.17 -4.32
N GLU B 133 4.01 19.30 -4.26
CA GLU B 133 3.33 19.82 -5.45
C GLU B 133 4.32 20.29 -6.50
N GLN B 134 5.42 20.91 -6.06
CA GLN B 134 6.50 21.22 -6.98
C GLN B 134 7.06 19.96 -7.64
N ARG B 135 7.24 18.89 -6.86
CA ARG B 135 7.82 17.67 -7.42
C ARG B 135 6.90 17.03 -8.46
N MET B 136 5.60 16.98 -8.18
CA MET B 136 4.57 16.50 -9.12
C MET B 136 4.58 17.25 -10.45
N SER B 137 4.91 18.54 -10.45
CA SER B 137 4.64 19.39 -11.61
C SER B 137 5.43 18.93 -12.83
N GLY B 138 4.72 18.72 -13.94
CA GLY B 138 5.34 18.16 -15.12
C GLY B 138 5.79 16.71 -15.03
N GLU B 139 5.67 16.06 -13.86
CA GLU B 139 5.98 14.64 -13.73
C GLU B 139 4.77 13.74 -13.92
N ILE B 140 3.58 14.25 -13.65
CA ILE B 140 2.33 13.54 -13.87
C ILE B 140 1.48 14.47 -14.71
N VAL B 141 1.20 14.06 -15.95
CA VAL B 141 0.50 14.88 -16.93
C VAL B 141 -0.66 14.07 -17.47
N VAL B 142 -1.84 14.68 -17.54
CA VAL B 142 -3.01 13.91 -17.90
C VAL B 142 -3.20 13.91 -19.43
#